data_7P4P
#
_entry.id   7P4P
#
_cell.length_a   102.760
_cell.length_b   49.200
_cell.length_c   69.680
_cell.angle_alpha   90.000
_cell.angle_beta   108.080
_cell.angle_gamma   90.000
#
_symmetry.space_group_name_H-M   'C 1 2 1'
#
loop_
_entity.id
_entity.type
_entity.pdbx_description
1 polymer 'Quinolinate synthase A'
2 non-polymer 'IRON/SULFUR CLUSTER'
3 non-polymer 'CITRATE ANION'
4 non-polymer 'MAGNESIUM ION'
5 non-polymer 'CHLORIDE ION'
6 water water
#
_entity_poly.entity_id   1
_entity_poly.type   'polypeptide(L)'
_entity_poly.pdbx_seq_one_letter_code
;MHHHHHHMVDEILKLKKEKGYIILAHNYQIPELQDIADFVGDSLQLARKAMELSEKKILFLGVDFMAELVKILNPDKKVI
VPDRSATCPMLNRLTPEIIREYREKFPDAPVVLYVNSTSECKTLADVICTSANAVEVVKKLDSSVVIFGPDRNLGEYVAE
KTGKKVITIPENGHCPVHQFNAESIDAVRKKYPDAKVIVHPECPKPVRDKADYVGSTGQMEKIPERDPSRIFVIGTEIGM
IHKLKKKFPDREFVPLEMAVCVNMKKNTLENTLHALQTESFEVILPKEVIEKAKKPILRMFELMG
;
_entity_poly.pdbx_strand_id   A
#
loop_
_chem_comp.id
_chem_comp.type
_chem_comp.name
_chem_comp.formula
CL non-polymer 'CHLORIDE ION' 'Cl -1'
FLC non-polymer 'CITRATE ANION' 'C6 H5 O7 -3'
MG non-polymer 'MAGNESIUM ION' 'Mg 2'
SF4 non-polymer 'IRON/SULFUR CLUSTER' 'Fe4 S4'
#
# COMPACT_ATOMS: atom_id res chain seq x y z
N MET A 1 11.74 -13.45 20.19
CA MET A 1 12.92 -12.75 19.68
C MET A 1 14.19 -13.24 20.39
N HIS A 2 15.34 -12.99 19.78
CA HIS A 2 16.62 -13.44 20.28
C HIS A 2 17.41 -12.28 20.88
N HIS A 3 18.29 -12.61 21.84
CA HIS A 3 19.04 -11.65 22.66
C HIS A 3 19.64 -10.49 21.88
N HIS A 4 20.14 -10.75 20.67
CA HIS A 4 20.73 -9.68 19.85
C HIS A 4 19.65 -8.77 19.26
N HIS A 5 18.53 -9.34 18.82
CA HIS A 5 17.40 -8.55 18.35
C HIS A 5 16.74 -7.80 19.51
N HIS A 6 16.62 -8.45 20.68
CA HIS A 6 16.11 -7.77 21.87
C HIS A 6 16.83 -6.45 22.12
N HIS A 7 18.15 -6.43 21.90
CA HIS A 7 18.92 -5.23 22.21
C HIS A 7 18.63 -4.10 21.23
N MET A 8 18.48 -4.41 19.94
CA MET A 8 18.15 -3.38 18.98
C MET A 8 16.73 -2.85 19.22
N VAL A 9 15.81 -3.73 19.58
CA VAL A 9 14.42 -3.32 19.81
C VAL A 9 14.35 -2.30 20.93
N ASP A 10 15.06 -2.57 22.04
CA ASP A 10 15.09 -1.64 23.16
C ASP A 10 15.69 -0.30 22.75
N GLU A 11 16.78 -0.34 21.97
CA GLU A 11 17.43 0.90 21.55
C GLU A 11 16.53 1.71 20.63
N ILE A 12 15.82 1.03 19.72
CA ILE A 12 14.90 1.71 18.82
C ILE A 12 13.81 2.42 19.62
N LEU A 13 13.23 1.72 20.60
CA LEU A 13 12.15 2.33 21.37
C LEU A 13 12.64 3.49 22.22
N LYS A 14 13.87 3.39 22.75
CA LYS A 14 14.42 4.49 23.53
C LYS A 14 14.70 5.71 22.65
N LEU A 15 15.32 5.49 21.50
CA LEU A 15 15.66 6.59 20.59
C LEU A 15 14.40 7.26 20.05
N LYS A 16 13.40 6.46 19.68
CA LYS A 16 12.14 7.00 19.17
C LYS A 16 11.52 7.97 20.18
N LYS A 17 11.46 7.56 21.45
CA LYS A 17 10.89 8.42 22.47
C LYS A 17 11.78 9.63 22.73
N GLU A 18 13.09 9.42 22.76
CA GLU A 18 14.01 10.49 23.11
C GLU A 18 14.01 11.62 22.06
N LYS A 19 13.96 11.27 20.78
CA LYS A 19 14.09 12.27 19.72
C LYS A 19 12.75 12.77 19.19
N GLY A 20 11.64 12.32 19.76
CA GLY A 20 10.34 12.79 19.35
C GLY A 20 9.84 12.24 18.02
N TYR A 21 10.20 11.01 17.68
CA TYR A 21 9.71 10.40 16.46
C TYR A 21 8.42 9.63 16.70
N ILE A 22 7.56 9.62 15.69
CA ILE A 22 6.48 8.65 15.57
C ILE A 22 6.87 7.70 14.44
N ILE A 23 6.64 6.40 14.65
CA ILE A 23 7.05 5.38 13.69
C ILE A 23 5.81 4.82 13.01
N LEU A 24 5.71 5.04 11.70
CA LEU A 24 4.63 4.51 10.88
C LEU A 24 5.14 3.35 10.04
N ALA A 25 4.41 2.24 10.03
CA ALA A 25 4.81 1.09 9.23
C ALA A 25 3.69 0.59 8.33
N HIS A 26 4.07 0.03 7.19
CA HIS A 26 3.11 -0.66 6.35
C HIS A 26 2.97 -2.12 6.79
N ASN A 27 1.80 -2.68 6.45
CA ASN A 27 1.43 -4.05 6.81
C ASN A 27 2.38 -5.12 6.27
N TYR A 28 3.21 -4.83 5.27
CA TYR A 28 4.11 -5.85 4.77
C TYR A 28 5.49 -5.80 5.43
N GLN A 29 5.71 -4.88 6.37
CA GLN A 29 7.00 -4.88 7.07
C GLN A 29 7.15 -6.15 7.91
N ILE A 30 8.39 -6.51 8.17
CA ILE A 30 8.67 -7.73 8.94
C ILE A 30 8.07 -7.60 10.34
N PRO A 31 7.74 -8.72 10.99
CA PRO A 31 7.04 -8.62 12.29
C PRO A 31 7.77 -7.81 13.34
N GLU A 32 9.11 -7.94 13.41
CA GLU A 32 9.88 -7.22 14.41
C GLU A 32 9.74 -5.72 14.26
N LEU A 33 9.53 -5.23 13.02
CA LEU A 33 9.36 -3.81 12.81
C LEU A 33 7.91 -3.37 13.05
N GLN A 34 6.94 -4.18 12.65
CA GLN A 34 5.55 -3.89 13.00
C GLN A 34 5.41 -3.73 14.51
N ASP A 35 6.12 -4.58 15.26
CA ASP A 35 5.97 -4.57 16.72
C ASP A 35 6.60 -3.34 17.37
N ILE A 36 7.62 -2.73 16.72
CA ILE A 36 8.16 -1.49 17.27
C ILE A 36 7.51 -0.25 16.70
N ALA A 37 6.60 -0.39 15.74
CA ALA A 37 5.95 0.77 15.15
C ALA A 37 4.86 1.30 16.06
N ASP A 38 4.56 2.60 15.92
CA ASP A 38 3.45 3.22 16.62
C ASP A 38 2.12 3.07 15.90
N PHE A 39 2.15 2.84 14.58
CA PHE A 39 0.94 2.68 13.78
C PHE A 39 1.31 1.83 12.57
N VAL A 40 0.50 0.80 12.29
CA VAL A 40 0.71 -0.12 11.17
C VAL A 40 -0.58 -0.18 10.38
N GLY A 41 -0.51 -0.01 9.06
CA GLY A 41 -1.72 -0.09 8.27
C GLY A 41 -1.42 -0.16 6.79
N ASP A 42 -2.49 0.00 5.98
CA ASP A 42 -2.35 0.05 4.54
C ASP A 42 -2.15 1.49 4.09
N SER A 43 -2.09 1.70 2.78
CA SER A 43 -1.72 3.03 2.28
C SER A 43 -2.76 4.08 2.66
N LEU A 44 -4.06 3.75 2.55
CA LEU A 44 -5.08 4.75 2.89
C LEU A 44 -5.02 5.08 4.38
N GLN A 45 -4.87 4.07 5.22
CA GLN A 45 -4.80 4.30 6.66
C GLN A 45 -3.55 5.10 7.03
N LEU A 46 -2.43 4.82 6.37
CA LEU A 46 -1.21 5.58 6.62
C LEU A 46 -1.37 7.03 6.15
N ALA A 47 -2.04 7.21 5.01
CA ALA A 47 -2.30 8.55 4.49
C ALA A 47 -3.17 9.34 5.47
N ARG A 48 -4.28 8.74 5.89
CA ARG A 48 -5.14 9.42 6.85
CA ARG A 48 -5.14 9.42 6.85
C ARG A 48 -4.39 9.72 8.15
N LYS A 49 -3.58 8.77 8.62
CA LYS A 49 -2.79 9.01 9.82
C LYS A 49 -1.78 10.12 9.60
N ALA A 50 -1.22 10.23 8.39
CA ALA A 50 -0.25 11.28 8.12
C ALA A 50 -0.87 12.68 8.19
N MET A 51 -2.19 12.81 8.04
CA MET A 51 -2.83 14.09 8.19
C MET A 51 -3.22 14.41 9.63
N GLU A 52 -3.21 13.41 10.52
CA GLU A 52 -3.71 13.54 11.88
C GLU A 52 -2.61 13.60 12.94
N LEU A 53 -1.41 13.11 12.63
CA LEU A 53 -0.38 13.02 13.65
C LEU A 53 0.20 14.38 13.98
N SER A 54 0.67 14.52 15.21
CA SER A 54 1.15 15.79 15.73
C SER A 54 2.66 15.86 15.92
N GLU A 55 3.36 14.72 15.95
CA GLU A 55 4.81 14.74 16.07
C GLU A 55 5.42 15.52 14.91
N LYS A 56 6.64 15.99 15.12
CA LYS A 56 7.35 16.77 14.12
C LYS A 56 8.34 15.92 13.33
N LYS A 57 8.57 14.68 13.74
CA LYS A 57 9.51 13.79 13.10
C LYS A 57 8.87 12.43 12.92
N ILE A 58 8.95 11.90 11.70
CA ILE A 58 8.29 10.65 11.32
C ILE A 58 9.34 9.71 10.75
N LEU A 59 9.41 8.51 11.29
CA LEU A 59 10.21 7.45 10.69
C LEU A 59 9.25 6.51 9.98
N PHE A 60 9.37 6.43 8.66
CA PHE A 60 8.46 5.64 7.84
C PHE A 60 9.12 4.34 7.39
N LEU A 61 8.44 3.22 7.61
CA LEU A 61 8.90 1.87 7.28
C LEU A 61 7.96 1.29 6.23
N GLY A 62 8.39 1.31 4.98
CA GLY A 62 7.58 0.82 3.86
C GLY A 62 8.37 1.01 2.58
N VAL A 63 7.73 1.50 1.51
CA VAL A 63 8.42 1.78 0.25
C VAL A 63 8.23 3.25 -0.10
N ASP A 64 9.02 3.70 -1.08
CA ASP A 64 9.27 5.13 -1.26
C ASP A 64 8.00 5.92 -1.57
N PHE A 65 7.10 5.38 -2.39
CA PHE A 65 5.97 6.21 -2.79
C PHE A 65 5.09 6.53 -1.60
N MET A 66 5.02 5.62 -0.63
CA MET A 66 4.27 5.88 0.59
C MET A 66 4.95 6.95 1.43
N ALA A 67 6.27 6.84 1.60
CA ALA A 67 7.01 7.81 2.40
C ALA A 67 6.85 9.22 1.82
N GLU A 68 6.89 9.31 0.50
CA GLU A 68 6.77 10.61 -0.15
C GLU A 68 5.35 11.14 -0.03
N LEU A 69 4.35 10.25 -0.05
CA LEU A 69 2.99 10.70 0.22
C LEU A 69 2.88 11.30 1.63
N VAL A 70 3.49 10.65 2.63
CA VAL A 70 3.50 11.22 3.98
C VAL A 70 4.21 12.57 3.99
N LYS A 71 5.31 12.70 3.25
CA LYS A 71 6.03 13.98 3.21
C LYS A 71 5.21 15.06 2.52
N ILE A 72 4.51 14.70 1.43
CA ILE A 72 3.68 15.67 0.72
C ILE A 72 2.59 16.22 1.64
N LEU A 73 2.04 15.35 2.49
CA LEU A 73 1.04 15.78 3.46
C LEU A 73 1.62 16.52 4.65
N ASN A 74 2.94 16.44 4.87
CA ASN A 74 3.59 17.14 5.98
C ASN A 74 4.87 17.82 5.50
N PRO A 75 4.75 18.79 4.59
CA PRO A 75 5.95 19.33 3.94
C PRO A 75 6.92 20.01 4.89
N ASP A 76 6.47 20.36 6.10
CA ASP A 76 7.32 21.04 7.07
C ASP A 76 7.75 20.14 8.21
N LYS A 77 7.40 18.86 8.15
CA LYS A 77 7.89 17.88 9.09
C LYS A 77 9.04 17.08 8.48
N LYS A 78 9.87 16.53 9.36
CA LYS A 78 10.97 15.67 8.94
C LYS A 78 10.46 14.23 8.78
N VAL A 79 10.69 13.64 7.60
CA VAL A 79 10.37 12.25 7.33
C VAL A 79 11.66 11.55 6.94
N ILE A 80 11.98 10.45 7.61
CA ILE A 80 13.16 9.67 7.27
C ILE A 80 12.75 8.25 6.93
N VAL A 81 13.57 7.59 6.10
CA VAL A 81 13.37 6.19 5.76
C VAL A 81 14.70 5.48 5.97
N PRO A 82 14.72 4.18 6.31
CA PRO A 82 16.00 3.50 6.50
C PRO A 82 16.74 3.20 5.21
N ASP A 83 16.02 2.96 4.10
CA ASP A 83 16.63 2.60 2.82
C ASP A 83 15.84 3.26 1.71
N ARG A 84 16.45 4.21 1.02
CA ARG A 84 15.74 4.98 0.00
C ARG A 84 15.45 4.15 -1.25
N SER A 85 16.09 2.99 -1.40
CA SER A 85 15.91 2.17 -2.59
C SER A 85 14.75 1.19 -2.46
N ALA A 86 14.15 1.09 -1.28
CA ALA A 86 12.92 0.36 -1.11
C ALA A 86 11.84 1.00 -1.98
N THR A 87 11.41 0.31 -3.03
CA THR A 87 10.51 0.92 -4.01
C THR A 87 9.50 -0.14 -4.46
N CYS A 88 8.75 0.17 -5.51
CA CYS A 88 7.81 -0.76 -6.12
C CYS A 88 8.13 -0.85 -7.62
N PRO A 89 8.26 -2.06 -8.17
CA PRO A 89 8.64 -2.15 -9.60
C PRO A 89 7.63 -1.52 -10.55
N MET A 90 6.38 -1.28 -10.12
CA MET A 90 5.44 -0.62 -11.00
C MET A 90 5.74 0.86 -11.19
N LEU A 91 6.53 1.46 -10.32
CA LEU A 91 6.78 2.89 -10.42
C LEU A 91 7.52 3.23 -11.70
N ASN A 92 8.52 2.43 -12.07
CA ASN A 92 9.33 2.73 -13.26
C ASN A 92 8.54 2.57 -14.55
N ARG A 93 7.42 1.86 -14.52
CA ARG A 93 6.69 1.54 -15.72
C ARG A 93 5.73 2.64 -16.15
N LEU A 94 5.40 3.55 -15.24
CA LEU A 94 4.58 4.71 -15.56
C LEU A 94 5.41 5.98 -15.41
N THR A 95 5.36 6.84 -16.43
CA THR A 95 6.19 8.03 -16.49
C THR A 95 5.36 9.25 -16.84
N PRO A 96 5.84 10.45 -16.53
CA PRO A 96 5.14 11.65 -16.99
C PRO A 96 4.92 11.66 -18.50
N GLU A 97 5.88 11.11 -19.25
CA GLU A 97 5.75 11.09 -20.70
CA GLU A 97 5.76 11.08 -20.71
C GLU A 97 4.58 10.23 -21.15
N ILE A 98 4.41 9.06 -20.53
CA ILE A 98 3.29 8.18 -20.89
C ILE A 98 1.97 8.82 -20.47
N ILE A 99 1.94 9.51 -19.34
CA ILE A 99 0.69 10.13 -18.91
C ILE A 99 0.30 11.24 -19.88
N ARG A 100 1.27 12.07 -20.29
CA ARG A 100 0.97 13.10 -21.27
C ARG A 100 0.53 12.49 -22.59
N GLU A 101 1.19 11.40 -23.00
CA GLU A 101 0.80 10.70 -24.23
C GLU A 101 -0.66 10.29 -24.20
N TYR A 102 -1.09 9.68 -23.08
CA TYR A 102 -2.46 9.17 -23.00
C TYR A 102 -3.48 10.28 -22.73
N ARG A 103 -3.09 11.37 -22.07
CA ARG A 103 -3.98 12.53 -22.02
C ARG A 103 -4.24 13.05 -23.44
N GLU A 104 -3.21 13.11 -24.28
CA GLU A 104 -3.40 13.57 -25.65
C GLU A 104 -4.24 12.58 -26.45
N LYS A 105 -4.03 11.29 -26.22
CA LYS A 105 -4.74 10.25 -26.96
C LYS A 105 -6.22 10.21 -26.58
N PHE A 106 -6.51 10.40 -25.29
CA PHE A 106 -7.88 10.39 -24.78
C PHE A 106 -8.17 11.71 -24.06
N PRO A 107 -8.22 12.82 -24.79
CA PRO A 107 -8.58 14.08 -24.15
C PRO A 107 -9.96 13.96 -23.54
N ASP A 108 -10.21 14.74 -22.49
CA ASP A 108 -11.53 14.72 -21.84
C ASP A 108 -11.79 13.39 -21.12
N ALA A 109 -10.76 12.88 -20.43
CA ALA A 109 -10.90 11.71 -19.55
C ALA A 109 -9.99 12.01 -18.36
N PRO A 110 -10.49 11.92 -17.14
CA PRO A 110 -9.62 12.17 -15.98
C PRO A 110 -8.57 11.08 -15.83
N VAL A 111 -7.43 11.48 -15.26
CA VAL A 111 -6.32 10.55 -14.96
C VAL A 111 -6.39 10.21 -13.48
N VAL A 112 -6.63 8.94 -13.19
CA VAL A 112 -6.73 8.42 -11.83
C VAL A 112 -5.48 7.58 -11.60
N LEU A 113 -4.66 7.98 -10.64
CA LEU A 113 -3.41 7.27 -10.39
C LEU A 113 -3.52 6.52 -9.07
N TYR A 114 -3.22 5.23 -9.14
CA TYR A 114 -2.98 4.43 -7.95
C TYR A 114 -1.84 5.04 -7.15
N VAL A 115 -1.92 4.89 -5.83
CA VAL A 115 -0.89 5.46 -4.96
C VAL A 115 0.50 4.89 -5.26
N ASN A 116 0.57 3.66 -5.80
CA ASN A 116 1.84 3.06 -6.20
C ASN A 116 2.29 3.72 -7.50
N SER A 117 2.77 4.95 -7.39
CA SER A 117 3.18 5.76 -8.54
C SER A 117 4.17 6.78 -8.04
N THR A 118 5.07 7.25 -8.92
CA THR A 118 6.02 8.25 -8.48
C THR A 118 5.30 9.53 -8.08
N SER A 119 5.93 10.29 -7.19
CA SER A 119 5.36 11.57 -6.82
C SER A 119 5.29 12.51 -8.01
N GLU A 120 6.26 12.44 -8.93
CA GLU A 120 6.19 13.28 -10.13
C GLU A 120 4.98 12.92 -10.99
N CYS A 121 4.69 11.61 -11.13
CA CYS A 121 3.48 11.20 -11.83
C CYS A 121 2.24 11.78 -11.18
N LYS A 122 2.23 11.82 -9.84
CA LYS A 122 1.07 12.33 -9.13
C LYS A 122 0.76 13.78 -9.49
N THR A 123 1.78 14.57 -9.87
CA THR A 123 1.53 15.98 -10.23
C THR A 123 0.66 16.10 -11.47
N LEU A 124 0.59 15.06 -12.30
CA LEU A 124 -0.22 15.05 -13.51
C LEU A 124 -1.55 14.35 -13.32
N ALA A 125 -1.83 13.86 -12.13
CA ALA A 125 -3.06 13.14 -11.89
C ALA A 125 -4.19 14.10 -11.56
N ASP A 126 -5.41 13.72 -11.97
CA ASP A 126 -6.59 14.41 -11.49
C ASP A 126 -6.93 14.01 -10.06
N VAL A 127 -6.70 12.73 -9.70
CA VAL A 127 -7.02 12.25 -8.36
C VAL A 127 -6.18 11.00 -8.13
N ILE A 128 -5.84 10.76 -6.87
CA ILE A 128 -5.14 9.55 -6.42
C ILE A 128 -6.15 8.60 -5.80
N CYS A 129 -5.82 7.30 -5.77
CA CYS A 129 -6.63 6.36 -5.01
C CYS A 129 -5.73 5.29 -4.42
N THR A 130 -6.26 4.57 -3.43
CA THR A 130 -5.65 3.33 -2.97
C THR A 130 -6.56 2.17 -3.37
N SER A 131 -6.14 0.93 -3.09
CA SER A 131 -7.01 -0.15 -3.51
C SER A 131 -8.29 -0.19 -2.69
N ALA A 132 -8.27 0.39 -1.49
CA ALA A 132 -9.48 0.41 -0.66
C ALA A 132 -10.53 1.38 -1.17
N ASN A 133 -10.14 2.51 -1.78
CA ASN A 133 -11.12 3.51 -2.17
C ASN A 133 -11.21 3.73 -3.68
N ALA A 134 -10.51 2.92 -4.48
CA ALA A 134 -10.48 3.16 -5.92
C ALA A 134 -11.87 3.13 -6.53
N VAL A 135 -12.70 2.18 -6.10
CA VAL A 135 -14.05 2.04 -6.67
C VAL A 135 -14.87 3.28 -6.35
N GLU A 136 -14.87 3.70 -5.07
CA GLU A 136 -15.68 4.84 -4.65
C GLU A 136 -15.21 6.13 -5.31
N VAL A 137 -13.90 6.37 -5.36
CA VAL A 137 -13.34 7.57 -5.98
C VAL A 137 -13.74 7.67 -7.44
N VAL A 138 -13.54 6.59 -8.20
CA VAL A 138 -13.84 6.61 -9.63
C VAL A 138 -15.34 6.76 -9.86
N LYS A 139 -16.14 6.14 -9.00
CA LYS A 139 -17.59 6.23 -9.12
C LYS A 139 -18.05 7.69 -8.98
N LYS A 140 -17.39 8.45 -8.11
CA LYS A 140 -17.84 9.82 -7.86
C LYS A 140 -17.33 10.83 -8.88
N LEU A 141 -16.46 10.41 -9.80
CA LEU A 141 -16.10 11.28 -10.91
C LEU A 141 -17.22 11.31 -11.94
N ASP A 142 -17.36 12.46 -12.62
CA ASP A 142 -18.46 12.65 -13.56
C ASP A 142 -18.28 11.86 -14.85
N SER A 143 -17.05 11.64 -15.28
CA SER A 143 -16.81 11.03 -16.58
C SER A 143 -17.06 9.52 -16.56
N SER A 144 -17.61 9.02 -17.66
CA SER A 144 -17.82 7.59 -17.82
C SER A 144 -16.57 6.87 -18.33
N VAL A 145 -15.53 7.61 -18.71
CA VAL A 145 -14.26 7.05 -19.14
C VAL A 145 -13.16 7.68 -18.28
N VAL A 146 -12.26 6.85 -17.78
CA VAL A 146 -11.14 7.31 -16.97
C VAL A 146 -9.87 6.61 -17.44
N ILE A 147 -8.75 7.29 -17.26
CA ILE A 147 -7.43 6.72 -17.46
C ILE A 147 -6.94 6.28 -16.09
N PHE A 148 -6.36 5.09 -16.00
CA PHE A 148 -6.01 4.52 -14.72
C PHE A 148 -4.67 3.83 -14.81
N GLY A 149 -3.82 4.06 -13.81
CA GLY A 149 -2.57 3.34 -13.75
C GLY A 149 -1.89 3.50 -12.42
N PRO A 150 -0.82 2.71 -12.19
CA PRO A 150 -0.19 1.76 -13.14
C PRO A 150 -0.76 0.35 -13.13
N ASP A 151 -1.53 -0.02 -12.11
CA ASP A 151 -1.87 -1.42 -11.92
C ASP A 151 -3.09 -1.80 -12.76
N ARG A 152 -2.85 -2.64 -13.79
CA ARG A 152 -3.93 -3.05 -14.69
C ARG A 152 -5.00 -3.87 -13.97
N ASN A 153 -4.58 -4.71 -13.02
CA ASN A 153 -5.56 -5.56 -12.34
C ASN A 153 -6.51 -4.72 -11.49
N LEU A 154 -5.99 -3.76 -10.74
CA LEU A 154 -6.86 -2.88 -9.97
C LEU A 154 -7.77 -2.06 -10.88
N GLY A 155 -7.23 -1.57 -12.00
CA GLY A 155 -8.07 -0.84 -12.92
C GLY A 155 -9.21 -1.68 -13.47
N GLU A 156 -8.92 -2.95 -13.79
CA GLU A 156 -9.96 -3.84 -14.31
C GLU A 156 -10.98 -4.18 -13.22
N TYR A 157 -10.51 -4.31 -11.98
CA TYR A 157 -11.41 -4.47 -10.85
C TYR A 157 -12.34 -3.28 -10.71
N VAL A 158 -11.79 -2.07 -10.83
CA VAL A 158 -12.60 -0.85 -10.78
C VAL A 158 -13.63 -0.84 -11.90
N ALA A 159 -13.27 -1.29 -13.09
CA ALA A 159 -14.23 -1.23 -14.20
C ALA A 159 -15.37 -2.21 -14.00
N GLU A 160 -15.06 -3.40 -13.47
CA GLU A 160 -16.12 -4.36 -13.13
C GLU A 160 -17.07 -3.80 -12.10
N LYS A 161 -16.55 -3.09 -11.10
CA LYS A 161 -17.37 -2.62 -9.99
C LYS A 161 -18.12 -1.32 -10.32
N THR A 162 -17.60 -0.53 -11.24
CA THR A 162 -18.25 0.72 -11.55
C THR A 162 -18.98 0.68 -12.88
N GLY A 163 -18.64 -0.27 -13.75
CA GLY A 163 -19.13 -0.28 -15.12
C GLY A 163 -18.63 0.85 -15.99
N LYS A 164 -17.67 1.64 -15.51
CA LYS A 164 -17.08 2.67 -16.34
C LYS A 164 -15.99 2.08 -17.21
N LYS A 165 -15.67 2.78 -18.29
CA LYS A 165 -14.55 2.41 -19.15
C LYS A 165 -13.26 2.86 -18.48
N VAL A 166 -12.38 1.92 -18.17
CA VAL A 166 -11.14 2.21 -17.45
C VAL A 166 -10.00 1.88 -18.40
N ILE A 167 -9.39 2.92 -18.96
CA ILE A 167 -8.25 2.76 -19.86
C ILE A 167 -6.99 2.65 -19.00
N THR A 168 -6.41 1.46 -18.91
CA THR A 168 -5.25 1.23 -18.04
C THR A 168 -3.94 1.55 -18.77
N ILE A 169 -3.03 2.17 -18.04
CA ILE A 169 -1.71 2.50 -18.55
C ILE A 169 -0.69 2.13 -17.48
N PRO A 170 0.50 1.64 -17.84
CA PRO A 170 0.95 1.28 -19.19
C PRO A 170 0.25 -0.02 -19.67
N GLU A 171 0.82 -0.76 -20.62
CA GLU A 171 0.08 -1.90 -21.14
C GLU A 171 -0.16 -2.96 -20.06
N ASN A 172 0.86 -3.30 -19.27
CA ASN A 172 0.68 -4.37 -18.30
C ASN A 172 1.43 -4.10 -16.99
N GLY A 173 1.12 -2.97 -16.37
CA GLY A 173 1.59 -2.73 -15.01
C GLY A 173 0.96 -3.70 -14.04
N HIS A 174 1.77 -4.34 -13.20
CA HIS A 174 1.24 -5.35 -12.31
C HIS A 174 2.20 -5.52 -11.14
N CYS A 175 1.65 -6.04 -10.04
CA CYS A 175 2.43 -6.44 -8.90
C CYS A 175 2.85 -7.90 -9.05
N PRO A 176 4.15 -8.21 -9.11
CA PRO A 176 4.53 -9.62 -9.22
C PRO A 176 4.22 -10.42 -7.97
N VAL A 177 4.20 -9.76 -6.79
CA VAL A 177 3.93 -10.47 -5.53
C VAL A 177 2.55 -11.11 -5.54
N HIS A 178 1.58 -10.47 -6.20
CA HIS A 178 0.20 -10.93 -6.12
C HIS A 178 -0.22 -11.80 -7.30
N GLN A 179 0.73 -12.29 -8.10
CA GLN A 179 0.40 -13.13 -9.25
C GLN A 179 0.27 -14.59 -8.81
N PHE A 180 -0.73 -14.83 -7.96
CA PHE A 180 -1.03 -16.19 -7.53
C PHE A 180 -1.67 -16.97 -8.67
N ASN A 181 -1.66 -18.30 -8.53
CA ASN A 181 -2.32 -19.20 -9.46
CA ASN A 181 -2.32 -19.19 -9.47
C ASN A 181 -3.70 -19.54 -8.94
N ALA A 182 -4.71 -19.47 -9.82
CA ALA A 182 -6.06 -19.82 -9.41
C ALA A 182 -6.14 -21.25 -8.89
N GLU A 183 -5.28 -22.15 -9.39
CA GLU A 183 -5.29 -23.53 -8.93
C GLU A 183 -4.99 -23.63 -7.44
N SER A 184 -4.26 -22.66 -6.88
CA SER A 184 -4.02 -22.66 -5.44
C SER A 184 -5.31 -22.54 -4.67
N ILE A 185 -6.30 -21.81 -5.22
CA ILE A 185 -7.58 -21.71 -4.54
C ILE A 185 -8.33 -23.04 -4.65
N ASP A 186 -8.30 -23.65 -5.83
CA ASP A 186 -8.93 -24.97 -5.97
C ASP A 186 -8.39 -25.94 -4.93
N ALA A 187 -7.07 -25.91 -4.70
CA ALA A 187 -6.46 -26.84 -3.75
C ALA A 187 -6.90 -26.56 -2.32
N VAL A 188 -6.92 -25.28 -1.90
CA VAL A 188 -7.31 -25.02 -0.52
C VAL A 188 -8.78 -25.27 -0.30
N ARG A 189 -9.60 -25.12 -1.34
CA ARG A 189 -11.02 -25.44 -1.20
C ARG A 189 -11.20 -26.91 -0.85
N LYS A 190 -10.37 -27.78 -1.43
CA LYS A 190 -10.45 -29.20 -1.12
C LYS A 190 -9.87 -29.49 0.25
N LYS A 191 -8.79 -28.80 0.61
CA LYS A 191 -8.12 -29.03 1.88
C LYS A 191 -8.90 -28.42 3.04
N TYR A 192 -9.46 -27.22 2.85
CA TYR A 192 -10.22 -26.51 3.88
C TYR A 192 -11.58 -26.13 3.33
N PRO A 193 -12.51 -27.08 3.25
CA PRO A 193 -13.80 -26.78 2.59
C PRO A 193 -14.62 -25.70 3.27
N ASP A 194 -14.35 -25.38 4.54
CA ASP A 194 -15.08 -24.34 5.25
C ASP A 194 -14.31 -23.03 5.38
N ALA A 195 -13.11 -22.93 4.81
CA ALA A 195 -12.34 -21.70 4.94
C ALA A 195 -12.89 -20.64 4.00
N LYS A 196 -12.74 -19.38 4.40
CA LYS A 196 -13.01 -18.25 3.51
C LYS A 196 -11.70 -17.75 2.91
N VAL A 197 -11.74 -17.41 1.61
CA VAL A 197 -10.56 -17.00 0.86
C VAL A 197 -10.62 -15.51 0.63
N ILE A 198 -9.58 -14.79 1.07
CA ILE A 198 -9.49 -13.33 0.95
C ILE A 198 -8.26 -12.99 0.12
N VAL A 199 -8.45 -12.23 -0.96
CA VAL A 199 -7.33 -11.87 -1.83
C VAL A 199 -7.37 -10.37 -2.12
N HIS A 200 -6.24 -9.86 -2.60
CA HIS A 200 -6.03 -8.44 -2.90
C HIS A 200 -6.53 -8.11 -4.30
N PRO A 201 -7.08 -6.91 -4.52
CA PRO A 201 -7.49 -6.54 -5.89
C PRO A 201 -6.34 -6.49 -6.88
N GLU A 202 -5.10 -6.44 -6.42
CA GLU A 202 -3.95 -6.52 -7.33
C GLU A 202 -3.80 -7.90 -7.92
N CYS A 203 -4.53 -8.89 -7.42
CA CYS A 203 -4.46 -10.23 -7.96
C CYS A 203 -5.10 -10.30 -9.34
N PRO A 204 -4.64 -11.22 -10.20
CA PRO A 204 -5.32 -11.45 -11.48
C PRO A 204 -6.78 -11.86 -11.32
N LYS A 205 -7.57 -11.53 -12.33
CA LYS A 205 -9.00 -11.79 -12.30
C LYS A 205 -9.37 -13.24 -11.98
N PRO A 206 -8.74 -14.28 -12.56
CA PRO A 206 -9.13 -15.65 -12.18
C PRO A 206 -8.98 -15.92 -10.69
N VAL A 207 -8.02 -15.26 -10.05
CA VAL A 207 -7.84 -15.40 -8.60
C VAL A 207 -8.91 -14.62 -7.85
N ARG A 208 -9.17 -13.39 -8.29
CA ARG A 208 -10.22 -12.59 -7.65
C ARG A 208 -11.57 -13.29 -7.75
N ASP A 209 -11.84 -13.90 -8.89
CA ASP A 209 -13.18 -14.43 -9.13
C ASP A 209 -13.47 -15.65 -8.27
N LYS A 210 -12.43 -16.40 -7.89
CA LYS A 210 -12.61 -17.59 -7.06
C LYS A 210 -12.51 -17.29 -5.57
N ALA A 211 -12.28 -16.03 -5.19
CA ALA A 211 -12.17 -15.66 -3.79
C ALA A 211 -13.54 -15.35 -3.18
N ASP A 212 -13.60 -15.45 -1.85
CA ASP A 212 -14.80 -15.04 -1.12
C ASP A 212 -14.84 -13.53 -0.91
N TYR A 213 -13.67 -12.92 -0.71
CA TYR A 213 -13.54 -11.48 -0.48
C TYR A 213 -12.37 -10.95 -1.28
N VAL A 214 -12.48 -9.70 -1.73
CA VAL A 214 -11.39 -8.96 -2.35
C VAL A 214 -11.26 -7.61 -1.66
N GLY A 215 -10.04 -7.24 -1.25
CA GLY A 215 -9.88 -5.96 -0.57
C GLY A 215 -8.42 -5.64 -0.30
N SER A 216 -8.19 -4.37 0.07
CA SER A 216 -6.87 -3.95 0.52
C SER A 216 -6.53 -4.63 1.84
N THR A 217 -5.27 -4.53 2.27
CA THR A 217 -4.91 -5.18 3.51
C THR A 217 -5.69 -4.59 4.68
N GLY A 218 -5.92 -3.28 4.66
CA GLY A 218 -6.78 -2.69 5.68
C GLY A 218 -8.18 -3.29 5.69
N GLN A 219 -8.76 -3.52 4.51
CA GLN A 219 -10.06 -4.17 4.47
C GLN A 219 -9.99 -5.63 4.92
N MET A 220 -8.92 -6.34 4.56
CA MET A 220 -8.76 -7.73 4.99
C MET A 220 -8.84 -7.85 6.50
N GLU A 221 -8.18 -6.92 7.20
CA GLU A 221 -8.06 -6.95 8.64
C GLU A 221 -9.41 -6.78 9.34
N LYS A 222 -10.41 -6.22 8.66
CA LYS A 222 -11.71 -6.04 9.28
C LYS A 222 -12.68 -7.17 8.96
N ILE A 223 -12.37 -8.02 7.98
CA ILE A 223 -13.31 -9.09 7.63
C ILE A 223 -13.59 -10.01 8.79
N PRO A 224 -12.61 -10.48 9.59
CA PRO A 224 -12.95 -11.37 10.70
C PRO A 224 -13.79 -10.70 11.78
N GLU A 225 -13.97 -9.37 11.75
CA GLU A 225 -14.89 -8.72 12.66
C GLU A 225 -16.34 -9.08 12.36
N ARG A 226 -16.65 -9.40 11.10
CA ARG A 226 -18.01 -9.72 10.71
C ARG A 226 -18.19 -11.14 10.18
N ASP A 227 -17.10 -11.84 9.85
CA ASP A 227 -17.17 -13.20 9.37
C ASP A 227 -16.64 -14.15 10.44
N PRO A 228 -17.45 -15.08 10.94
CA PRO A 228 -17.02 -15.94 12.05
C PRO A 228 -16.15 -17.11 11.65
N SER A 229 -15.66 -17.17 10.41
CA SER A 229 -14.95 -18.35 9.93
C SER A 229 -13.75 -18.68 10.81
N ARG A 230 -13.55 -19.99 11.05
CA ARG A 230 -12.41 -20.41 11.85
C ARG A 230 -11.11 -20.24 11.10
N ILE A 231 -11.14 -20.46 9.78
CA ILE A 231 -9.95 -20.46 8.94
C ILE A 231 -10.13 -19.45 7.81
N PHE A 232 -9.11 -18.63 7.57
CA PHE A 232 -9.07 -17.74 6.42
C PHE A 232 -7.82 -18.05 5.61
N VAL A 233 -7.97 -18.13 4.30
CA VAL A 233 -6.82 -18.28 3.40
C VAL A 233 -6.55 -16.91 2.78
N ILE A 234 -5.30 -16.48 2.83
CA ILE A 234 -4.96 -15.08 2.59
C ILE A 234 -4.10 -14.97 1.32
N GLY A 235 -4.63 -14.31 0.30
CA GLY A 235 -3.89 -14.04 -0.91
C GLY A 235 -3.28 -12.66 -0.93
N THR A 236 -2.23 -12.45 -0.13
CA THR A 236 -1.47 -11.21 -0.24
C THR A 236 -0.06 -11.48 0.27
N GLU A 237 0.74 -10.43 0.38
CA GLU A 237 2.13 -10.58 0.84
C GLU A 237 2.18 -11.15 2.25
N ILE A 238 3.19 -11.99 2.49
CA ILE A 238 3.28 -12.81 3.70
C ILE A 238 3.24 -11.97 4.98
N GLY A 239 3.74 -10.73 4.93
CA GLY A 239 3.77 -9.92 6.15
C GLY A 239 2.40 -9.69 6.76
N MET A 240 1.34 -9.73 5.95
CA MET A 240 0.00 -9.52 6.47
C MET A 240 -0.47 -10.71 7.32
N ILE A 241 0.05 -11.92 7.08
CA ILE A 241 -0.33 -13.06 7.90
C ILE A 241 -0.02 -12.80 9.37
N HIS A 242 1.18 -12.28 9.65
CA HIS A 242 1.55 -11.95 11.01
C HIS A 242 0.64 -10.90 11.61
N LYS A 243 0.32 -9.85 10.84
CA LYS A 243 -0.64 -8.86 11.29
C LYS A 243 -1.96 -9.52 11.66
N LEU A 244 -2.48 -10.40 10.79
CA LEU A 244 -3.80 -10.97 11.05
C LEU A 244 -3.78 -11.88 12.27
N LYS A 245 -2.75 -12.71 12.38
CA LYS A 245 -2.69 -13.66 13.49
C LYS A 245 -2.61 -12.94 14.84
N LYS A 246 -1.90 -11.82 14.88
CA LYS A 246 -1.81 -11.02 16.10
C LYS A 246 -3.16 -10.43 16.47
N LYS A 247 -3.91 -9.95 15.48
CA LYS A 247 -5.17 -9.30 15.78
C LYS A 247 -6.28 -10.28 16.10
N PHE A 248 -6.25 -11.48 15.51
CA PHE A 248 -7.29 -12.49 15.69
C PHE A 248 -6.62 -13.80 16.07
N PRO A 249 -6.07 -13.90 17.28
CA PRO A 249 -5.33 -15.12 17.65
C PRO A 249 -6.16 -16.37 17.72
N ASP A 250 -7.48 -16.27 17.73
CA ASP A 250 -8.32 -17.46 17.79
C ASP A 250 -8.81 -17.93 16.42
N ARG A 251 -8.31 -17.33 15.34
CA ARG A 251 -8.54 -17.85 14.00
C ARG A 251 -7.23 -18.40 13.43
N GLU A 252 -7.36 -19.13 12.31
CA GLU A 252 -6.21 -19.63 11.57
C GLU A 252 -6.11 -18.88 10.25
N PHE A 253 -4.88 -18.48 9.88
CA PHE A 253 -4.61 -17.73 8.66
C PHE A 253 -3.59 -18.49 7.84
N VAL A 254 -4.00 -18.95 6.67
CA VAL A 254 -3.18 -19.79 5.80
C VAL A 254 -2.78 -18.94 4.58
N PRO A 255 -1.49 -18.77 4.31
CA PRO A 255 -1.11 -18.09 3.06
C PRO A 255 -1.64 -18.86 1.86
N LEU A 256 -2.25 -18.15 0.91
CA LEU A 256 -2.67 -18.82 -0.32
C LEU A 256 -1.47 -19.47 -1.00
N GLU A 257 -0.37 -18.73 -1.12
CA GLU A 257 0.97 -19.20 -1.47
C GLU A 257 1.93 -18.29 -0.72
N MET A 258 3.16 -18.75 -0.54
CA MET A 258 4.20 -17.88 0.00
C MET A 258 4.53 -16.80 -1.03
N ALA A 259 4.35 -15.54 -0.66
CA ALA A 259 4.63 -14.41 -1.56
C ALA A 259 5.35 -13.33 -0.77
N VAL A 260 6.55 -12.97 -1.22
CA VAL A 260 7.41 -12.04 -0.48
C VAL A 260 7.72 -10.85 -1.37
N CYS A 261 7.48 -9.64 -0.87
CA CYS A 261 7.89 -8.41 -1.55
C CYS A 261 9.31 -8.08 -1.09
N VAL A 262 10.29 -8.32 -1.96
CA VAL A 262 11.68 -8.12 -1.55
C VAL A 262 11.92 -6.67 -1.17
N ASN A 263 11.22 -5.73 -1.78
CA ASN A 263 11.44 -4.32 -1.44
C ASN A 263 10.95 -4.00 -0.04
N MET A 264 9.77 -4.52 0.33
CA MET A 264 9.28 -4.30 1.69
C MET A 264 10.24 -4.86 2.72
N LYS A 265 10.97 -5.92 2.38
CA LYS A 265 11.90 -6.54 3.32
C LYS A 265 13.25 -5.85 3.40
N LYS A 266 13.49 -4.79 2.62
CA LYS A 266 14.75 -4.06 2.73
C LYS A 266 14.91 -3.38 4.10
N ASN A 267 13.81 -3.12 4.80
CA ASN A 267 13.91 -2.52 6.12
C ASN A 267 14.13 -3.61 7.15
N THR A 268 15.14 -3.41 8.00
CA THR A 268 15.55 -4.39 9.00
C THR A 268 15.64 -3.71 10.35
N LEU A 269 15.75 -4.51 11.41
CA LEU A 269 16.03 -3.92 12.72
C LEU A 269 17.32 -3.10 12.69
N GLU A 270 18.33 -3.59 11.97
CA GLU A 270 19.63 -2.93 11.99
CA GLU A 270 19.64 -2.94 11.96
C GLU A 270 19.58 -1.56 11.32
N ASN A 271 19.00 -1.46 10.12
CA ASN A 271 19.03 -0.15 9.47
C ASN A 271 17.92 0.77 9.97
N THR A 272 16.92 0.23 10.66
CA THR A 272 15.95 1.08 11.33
C THR A 272 16.59 1.75 12.55
N LEU A 273 17.43 1.02 13.28
CA LEU A 273 18.11 1.61 14.43
C LEU A 273 19.10 2.68 13.96
N HIS A 274 19.89 2.37 12.94
CA HIS A 274 20.82 3.36 12.40
C HIS A 274 20.09 4.60 11.89
N ALA A 275 18.88 4.43 11.34
CA ALA A 275 18.13 5.57 10.87
C ALA A 275 17.82 6.53 12.01
N LEU A 276 17.41 5.99 13.17
CA LEU A 276 17.14 6.85 14.32
C LEU A 276 18.41 7.44 14.90
N GLN A 277 19.51 6.68 14.83
CA GLN A 277 20.78 7.17 15.35
C GLN A 277 21.26 8.39 14.56
N THR A 278 21.07 8.37 13.24
CA THR A 278 21.61 9.39 12.35
C THR A 278 20.56 10.35 11.82
N GLU A 279 19.28 10.10 12.11
CA GLU A 279 18.17 10.86 11.54
C GLU A 279 18.34 10.98 10.02
N SER A 280 18.52 9.82 9.39
CA SER A 280 18.59 9.69 7.93
C SER A 280 17.94 8.37 7.57
N PHE A 281 17.49 8.20 6.32
CA PHE A 281 17.65 9.15 5.21
C PHE A 281 16.43 10.04 5.09
N GLU A 282 16.64 11.36 5.03
CA GLU A 282 15.51 12.25 4.95
C GLU A 282 14.83 12.15 3.59
N VAL A 283 13.50 12.23 3.59
CA VAL A 283 12.70 12.23 2.37
C VAL A 283 12.56 13.67 1.90
N ILE A 284 13.16 13.97 0.75
CA ILE A 284 13.23 15.31 0.19
C ILE A 284 12.55 15.29 -1.17
N LEU A 285 11.64 16.23 -1.39
CA LEU A 285 10.96 16.42 -2.65
C LEU A 285 11.13 17.86 -3.12
N PRO A 286 11.18 18.09 -4.43
CA PRO A 286 11.17 19.45 -4.96
C PRO A 286 9.88 20.16 -4.56
N LYS A 287 10.00 21.46 -4.25
CA LYS A 287 8.84 22.20 -3.76
C LYS A 287 7.72 22.22 -4.80
N GLU A 288 8.05 22.21 -6.09
CA GLU A 288 7.00 22.21 -7.10
C GLU A 288 6.25 20.89 -7.11
N VAL A 289 6.94 19.78 -6.83
CA VAL A 289 6.28 18.47 -6.80
C VAL A 289 5.29 18.40 -5.64
N ILE A 290 5.70 18.85 -4.46
CA ILE A 290 4.79 18.91 -3.33
C ILE A 290 3.58 19.78 -3.68
N GLU A 291 3.82 20.97 -4.24
CA GLU A 291 2.74 21.88 -4.58
C GLU A 291 1.71 21.21 -5.49
N LYS A 292 2.18 20.53 -6.53
CA LYS A 292 1.27 20.01 -7.54
C LYS A 292 0.70 18.64 -7.17
N ALA A 293 1.45 17.83 -6.42
CA ALA A 293 0.95 16.51 -6.06
C ALA A 293 -0.03 16.52 -4.91
N LYS A 294 -0.04 17.55 -4.07
CA LYS A 294 -0.99 17.55 -2.96
C LYS A 294 -2.43 17.65 -3.43
N LYS A 295 -2.66 18.38 -4.52
CA LYS A 295 -4.03 18.57 -5.02
C LYS A 295 -4.75 17.26 -5.33
N PRO A 296 -4.20 16.34 -6.14
CA PRO A 296 -4.93 15.09 -6.36
C PRO A 296 -4.97 14.20 -5.13
N ILE A 297 -4.06 14.38 -4.16
CA ILE A 297 -4.16 13.61 -2.93
C ILE A 297 -5.29 14.13 -2.07
N LEU A 298 -5.36 15.46 -1.89
CA LEU A 298 -6.47 16.06 -1.15
C LEU A 298 -7.81 15.74 -1.80
N ARG A 299 -7.86 15.76 -3.13
CA ARG A 299 -9.10 15.41 -3.84
C ARG A 299 -9.58 14.00 -3.50
N MET A 300 -8.65 13.07 -3.25
CA MET A 300 -9.02 11.71 -2.93
C MET A 300 -9.88 11.68 -1.67
N PHE A 301 -9.47 12.44 -0.66
CA PHE A 301 -10.25 12.51 0.57
C PHE A 301 -11.54 13.28 0.35
N GLU A 302 -11.53 14.29 -0.52
CA GLU A 302 -12.75 15.06 -0.77
C GLU A 302 -13.82 14.21 -1.44
N LEU A 303 -13.43 13.23 -2.26
CA LEU A 303 -14.37 12.36 -2.95
C LEU A 303 -14.77 11.14 -2.13
N MET A 304 -14.22 10.97 -0.93
CA MET A 304 -14.72 9.96 -0.01
C MET A 304 -15.77 10.49 0.94
N GLY A 305 -15.72 11.77 1.30
CA GLY A 305 -16.67 12.34 2.24
C GLY A 305 -16.58 13.84 2.45
FE1 SF4 B . 3.59 -5.55 -5.00
FE2 SF4 B . 5.60 -4.87 -3.28
FE3 SF4 B . 3.09 -3.74 -3.12
FE4 SF4 B . 4.71 -3.11 -5.21
S1 SF4 B . 5.11 -2.64 -3.00
S2 SF4 B . 2.48 -3.57 -5.29
S3 SF4 B . 5.77 -5.11 -5.56
S4 SF4 B . 3.67 -5.93 -2.74
CAC FLC C . -3.29 -0.37 -0.77
CA FLC C . -2.40 -1.45 -1.35
CB FLC C . -1.41 -2.01 -0.33
CBC FLC C . -2.19 -2.58 0.84
CG FLC C . -0.53 -3.10 -0.95
CGC FLC C . 0.54 -2.61 -1.92
OA1 FLC C . -3.05 0.21 0.28
OA2 FLC C . -4.37 -0.12 -1.48
OB1 FLC C . -1.76 -2.60 1.98
OB2 FLC C . -3.36 -3.06 0.48
OG1 FLC C . 1.64 -3.32 -1.88
OG2 FLC C . 0.39 -1.66 -2.66
OHB FLC C . -0.59 -0.94 0.15
MG MG D . 22.03 12.31 9.19
CL CL E . -9.64 -14.18 17.52
CL CL F . 3.90 -2.51 -19.35
CL CL G . -15.67 14.84 -11.77
#